data_8GN3
#
_entry.id   8GN3
#
_cell.length_a   36.119
_cell.length_b   82.304
_cell.length_c   82.389
_cell.angle_alpha   90.000
_cell.angle_beta   90.000
_cell.angle_gamma   90.000
#
_symmetry.space_group_name_H-M   'P 21 21 21'
#
loop_
_entity.id
_entity.type
_entity.pdbx_description
1 polymer 'Zinc finger and BTB domain-containing protein 10'
2 polymer "DNA (5'-D(*TP*TP*GP*GP*GP*GP*TP*TP*GP*TP*A)-3')"
3 polymer "DNA (5'-D(*AP*TP*AP*CP*AP*AP*CP*CP*CP*CP*A)-3')"
4 non-polymer 'ZINC ION'
5 water water
#
loop_
_entity_poly.entity_id
_entity_poly.type
_entity_poly.pdbx_seq_one_letter_code
_entity_poly.pdbx_strand_id
1 'polypeptide(L)' GESSLIMNKLKCPHCSYVAKYRRTLKRHLLIHTGVRSFSCDICGKLFTRREHVKRHSLVHKKDKKYK A,B
2 'polydeoxyribonucleotide' (DT)(DT)(DG)(DG)(DG)(DG)(DT)(DT)(DG)(DT)(DA) C,E
3 'polydeoxyribonucleotide' (DA)(DT)(DA)(DC)(DA)(DA)(DC)(DC)(DC)(DC)(DA) D,F
#
loop_
_chem_comp.id
_chem_comp.type
_chem_comp.name
_chem_comp.formula
DA DNA linking 2'-DEOXYADENOSINE-5'-MONOPHOSPHATE 'C10 H14 N5 O6 P'
DC DNA linking 2'-DEOXYCYTIDINE-5'-MONOPHOSPHATE 'C9 H14 N3 O7 P'
DG DNA linking 2'-DEOXYGUANOSINE-5'-MONOPHOSPHATE 'C10 H14 N5 O7 P'
DT DNA linking THYMIDINE-5'-MONOPHOSPHATE 'C10 H15 N2 O8 P'
ZN non-polymer 'ZINC ION' 'Zn 2'
#
# COMPACT_ATOMS: atom_id res chain seq x y z
N SER A 4 5.65 -11.08 14.04
CA SER A 4 5.58 -11.03 15.51
C SER A 4 4.37 -11.81 16.01
N LEU A 5 4.38 -12.12 17.31
CA LEU A 5 3.26 -12.79 17.95
C LEU A 5 2.56 -11.84 18.93
N ILE A 6 2.55 -10.56 18.60
CA ILE A 6 1.84 -9.56 19.38
C ILE A 6 0.41 -9.50 18.88
N MET A 7 -0.55 -9.74 19.77
CA MET A 7 -1.95 -9.69 19.40
C MET A 7 -2.63 -8.40 19.86
N ASN A 8 -1.90 -7.56 20.60
CA ASN A 8 -2.37 -6.23 20.98
C ASN A 8 -3.10 -5.56 19.83
N LYS A 9 -4.33 -5.10 20.11
CA LYS A 9 -5.15 -4.50 19.06
C LYS A 9 -4.60 -3.17 18.56
N LEU A 10 -3.61 -2.59 19.24
CA LEU A 10 -3.00 -1.36 18.79
C LEU A 10 -1.66 -1.59 18.10
N LYS A 11 -1.30 -2.84 17.81
CA LYS A 11 -0.08 -3.10 17.05
C LYS A 11 -0.33 -2.84 15.55
N CYS A 12 0.61 -2.17 14.91
CA CYS A 12 0.51 -1.94 13.46
C CYS A 12 0.61 -3.25 12.73
N PRO A 13 -0.31 -3.57 11.81
CA PRO A 13 -0.16 -4.82 11.05
C PRO A 13 1.04 -4.82 10.12
N HIS A 14 1.64 -3.65 9.82
CA HIS A 14 2.67 -3.60 8.79
C HIS A 14 4.08 -3.41 9.34
N CYS A 15 4.25 -3.14 10.64
CA CYS A 15 5.56 -2.97 11.22
C CYS A 15 5.46 -3.25 12.72
N SER A 16 6.57 -3.08 13.43
CA SER A 16 6.60 -3.42 14.84
C SER A 16 5.94 -2.37 15.73
N TYR A 17 5.52 -1.24 15.18
CA TYR A 17 4.96 -0.18 16.00
C TYR A 17 3.71 -0.65 16.76
N VAL A 18 3.67 -0.37 18.06
CA VAL A 18 2.48 -0.59 18.89
C VAL A 18 2.09 0.75 19.50
N ALA A 19 0.87 1.19 19.23
CA ALA A 19 0.39 2.46 19.74
C ALA A 19 -0.13 2.32 21.17
N LYS A 20 -0.20 3.46 21.86
CA LYS A 20 -0.91 3.59 23.13
C LYS A 20 -2.32 4.11 22.96
N TYR A 21 -2.61 4.78 21.85
CA TYR A 21 -3.90 5.41 21.63
C TYR A 21 -4.44 4.94 20.30
N ARG A 22 -5.77 4.79 20.22
CA ARG A 22 -6.38 4.35 18.98
C ARG A 22 -6.13 5.39 17.87
N ARG A 23 -6.23 6.67 18.20
CA ARG A 23 -6.07 7.69 17.17
C ARG A 23 -4.63 7.80 16.71
N THR A 24 -3.67 7.45 17.56
CA THR A 24 -2.28 7.47 17.11
C THR A 24 -1.98 6.30 16.16
N LEU A 25 -2.60 5.14 16.41
CA LEU A 25 -2.49 4.06 15.44
C LEU A 25 -3.08 4.47 14.09
N LYS A 26 -4.26 5.09 14.11
CA LYS A 26 -4.88 5.57 12.87
C LYS A 26 -3.94 6.52 12.12
N ARG A 27 -3.36 7.49 12.83
CA ARG A 27 -2.42 8.41 12.19
C ARG A 27 -1.23 7.65 11.61
N HIS A 28 -0.70 6.69 12.38
CA HIS A 28 0.47 5.94 11.96
C HIS A 28 0.19 5.15 10.70
N LEU A 29 -1.01 4.57 10.58
CA LEU A 29 -1.34 3.77 9.40
C LEU A 29 -1.23 4.58 8.12
N LEU A 30 -1.38 5.90 8.20
CA LEU A 30 -1.23 6.75 7.02
C LEU A 30 0.20 6.77 6.49
N ILE A 31 1.19 6.30 7.26
CA ILE A 31 2.53 6.23 6.69
C ILE A 31 2.70 5.01 5.80
N HIS A 32 1.78 4.07 5.84
CA HIS A 32 1.82 2.81 5.09
C HIS A 32 0.96 2.88 3.83
N THR A 33 1.11 3.98 3.11
CA THR A 33 0.43 4.16 1.84
C THR A 33 1.21 5.22 1.07
N GLY A 34 1.05 5.20 -0.25
CA GLY A 34 1.62 6.27 -1.04
C GLY A 34 0.71 7.46 -1.21
N VAL A 35 -0.55 7.33 -0.85
CA VAL A 35 -1.51 8.41 -1.04
C VAL A 35 -1.46 9.32 0.18
N ARG A 36 -1.24 10.61 -0.06
CA ARG A 36 -1.15 11.62 0.98
C ARG A 36 -2.34 12.56 0.90
N SER A 37 -2.93 12.89 2.05
CA SER A 37 -4.22 13.55 2.08
C SER A 37 -4.14 15.07 1.99
N PHE A 38 -2.96 15.67 2.07
CA PHE A 38 -2.85 17.11 2.24
C PHE A 38 -1.89 17.67 1.20
N SER A 39 -2.14 18.89 0.75
CA SER A 39 -1.29 19.44 -0.28
C SER A 39 -1.12 20.93 -0.05
N CYS A 40 0.03 21.44 -0.48
CA CYS A 40 0.26 22.87 -0.51
C CYS A 40 -0.38 23.45 -1.76
N ASP A 41 -1.29 24.42 -1.58
CA ASP A 41 -1.92 25.00 -2.77
C ASP A 41 -1.02 25.95 -3.55
N ILE A 42 0.16 26.29 -3.02
CA ILE A 42 1.11 27.13 -3.75
C ILE A 42 2.01 26.30 -4.66
N CYS A 43 2.60 25.21 -4.14
CA CYS A 43 3.61 24.49 -4.91
C CYS A 43 3.23 23.05 -5.21
N GLY A 44 2.09 22.57 -4.71
CA GLY A 44 1.59 21.25 -5.05
C GLY A 44 2.19 20.11 -4.26
N LYS A 45 3.13 20.38 -3.35
CA LYS A 45 3.72 19.29 -2.58
C LYS A 45 2.68 18.61 -1.70
N LEU A 46 2.87 17.32 -1.48
CA LEU A 46 1.91 16.48 -0.77
C LEU A 46 2.47 16.06 0.57
N PHE A 47 1.62 16.03 1.59
CA PHE A 47 2.04 15.75 2.95
C PHE A 47 1.09 14.75 3.62
N THR A 48 1.67 13.95 4.52
CA THR A 48 0.88 12.95 5.23
C THR A 48 0.00 13.56 6.31
N ARG A 49 0.46 14.60 7.00
CA ARG A 49 -0.27 15.22 8.08
C ARG A 49 -0.64 16.66 7.76
N ARG A 50 -1.80 17.10 8.27
CA ARG A 50 -2.21 18.49 8.11
C ARG A 50 -1.18 19.45 8.70
N GLU A 51 -0.68 19.14 9.89
CA GLU A 51 0.33 19.98 10.53
C GLU A 51 1.58 20.13 9.65
N HIS A 52 1.85 19.16 8.77
CA HIS A 52 3.03 19.27 7.92
C HIS A 52 2.85 20.39 6.89
N VAL A 53 1.61 20.61 6.42
CA VAL A 53 1.38 21.70 5.48
C VAL A 53 1.52 23.05 6.16
N LYS A 54 1.05 23.16 7.41
CA LYS A 54 1.21 24.41 8.15
C LYS A 54 2.69 24.75 8.33
N ARG A 55 3.48 23.78 8.80
CA ARG A 55 4.91 23.99 8.94
C ARG A 55 5.55 24.33 7.61
N HIS A 56 5.09 23.69 6.55
CA HIS A 56 5.67 23.92 5.22
C HIS A 56 5.41 25.33 4.74
N SER A 57 4.30 25.94 5.14
CA SER A 57 3.91 27.24 4.60
C SER A 57 4.97 28.30 4.85
N LEU A 58 5.85 28.09 5.85
CA LEU A 58 6.95 29.02 6.09
C LEU A 58 7.86 29.15 4.88
N VAL A 59 7.90 28.13 4.02
CA VAL A 59 8.65 28.20 2.77
C VAL A 59 8.15 29.34 1.90
N HIS A 60 6.86 29.62 1.94
CA HIS A 60 6.27 30.59 1.03
C HIS A 60 6.02 31.91 1.73
N SER B 4 5.77 10.44 -2.52
CA SER B 4 6.52 11.25 -1.58
C SER B 4 5.92 12.66 -1.55
N LEU B 5 6.79 13.67 -1.37
CA LEU B 5 6.34 15.05 -1.43
C LEU B 5 5.82 15.40 -2.82
N ILE B 6 6.40 14.79 -3.85
CA ILE B 6 6.01 15.00 -5.23
C ILE B 6 5.66 13.65 -5.82
N MET B 7 4.93 13.67 -6.93
CA MET B 7 4.39 12.43 -7.49
C MET B 7 5.49 11.51 -7.99
N ASN B 8 6.51 12.05 -8.64
CA ASN B 8 7.65 11.26 -9.12
C ASN B 8 7.23 10.16 -10.09
N LYS B 9 6.13 10.38 -10.81
CA LYS B 9 5.56 9.40 -11.73
C LYS B 9 5.22 8.08 -11.03
N LEU B 10 4.79 8.17 -9.76
CA LEU B 10 4.47 6.99 -8.96
C LEU B 10 2.98 6.70 -8.87
N LYS B 11 2.11 7.48 -9.50
CA LYS B 11 0.68 7.22 -9.45
C LYS B 11 0.26 6.29 -10.58
N CYS B 12 -0.60 5.33 -10.25
CA CYS B 12 -1.13 4.45 -11.27
C CYS B 12 -1.94 5.24 -12.29
N PRO B 13 -1.74 5.04 -13.59
CA PRO B 13 -2.54 5.77 -14.58
C PRO B 13 -3.99 5.33 -14.66
N HIS B 14 -4.34 4.18 -14.08
CA HIS B 14 -5.66 3.59 -14.25
C HIS B 14 -6.55 3.65 -13.02
N CYS B 15 -6.02 4.06 -11.87
CA CYS B 15 -6.79 4.21 -10.64
C CYS B 15 -6.04 5.16 -9.72
N SER B 16 -6.58 5.38 -8.52
CA SER B 16 -6.01 6.35 -7.58
C SER B 16 -4.82 5.82 -6.80
N TYR B 17 -4.39 4.58 -7.05
CA TYR B 17 -3.26 4.02 -6.32
C TYR B 17 -2.00 4.84 -6.56
N VAL B 18 -1.27 5.11 -5.47
CA VAL B 18 0.04 5.75 -5.53
C VAL B 18 1.04 4.85 -4.81
N ALA B 19 2.13 4.53 -5.47
CA ALA B 19 3.14 3.65 -4.91
C ALA B 19 4.15 4.43 -4.09
N LYS B 20 4.65 3.81 -3.03
CA LYS B 20 5.82 4.34 -2.36
C LYS B 20 7.10 3.88 -3.01
N TYR B 21 7.12 2.66 -3.54
CA TYR B 21 8.31 2.11 -4.18
C TYR B 21 8.00 1.76 -5.64
N ARG B 22 8.99 1.93 -6.50
CA ARG B 22 8.79 1.65 -7.92
C ARG B 22 8.45 0.19 -8.17
N ARG B 23 9.09 -0.73 -7.42
CA ARG B 23 8.82 -2.15 -7.63
C ARG B 23 7.36 -2.49 -7.33
N THR B 24 6.77 -1.81 -6.35
CA THR B 24 5.38 -2.08 -6.00
C THR B 24 4.43 -1.49 -7.04
N LEU B 25 4.82 -0.38 -7.68
CA LEU B 25 3.98 0.12 -8.77
C LEU B 25 3.95 -0.88 -9.91
N LYS B 26 5.10 -1.50 -10.21
CA LYS B 26 5.11 -2.48 -11.30
C LYS B 26 4.19 -3.64 -10.99
N ARG B 27 4.24 -4.15 -9.76
CA ARG B 27 3.31 -5.20 -9.36
C ARG B 27 1.88 -4.74 -9.49
N HIS B 28 1.58 -3.51 -9.06
CA HIS B 28 0.21 -3.02 -9.11
C HIS B 28 -0.30 -2.91 -10.55
N LEU B 29 0.55 -2.42 -11.45
CA LEU B 29 0.09 -2.16 -12.81
C LEU B 29 -0.46 -3.41 -13.46
N LEU B 30 0.06 -4.58 -13.05
CA LEU B 30 -0.38 -5.84 -13.62
C LEU B 30 -1.84 -6.13 -13.36
N ILE B 31 -2.42 -5.61 -12.27
CA ILE B 31 -3.83 -5.93 -12.01
C ILE B 31 -4.73 -5.32 -13.07
N HIS B 32 -4.22 -4.35 -13.83
CA HIS B 32 -5.01 -3.70 -14.86
C HIS B 32 -4.81 -4.30 -16.24
N THR B 33 -3.98 -5.32 -16.37
CA THR B 33 -3.71 -5.91 -17.67
C THR B 33 -4.63 -7.06 -18.03
N GLY B 34 -5.31 -7.67 -17.05
CA GLY B 34 -6.07 -8.87 -17.36
C GLY B 34 -5.22 -10.05 -17.76
N VAL B 35 -3.94 -10.05 -17.42
CA VAL B 35 -3.02 -11.13 -17.74
C VAL B 35 -2.68 -11.86 -16.46
N ARG B 36 -2.94 -13.18 -16.44
CA ARG B 36 -2.64 -14.00 -15.27
C ARG B 36 -1.71 -15.11 -15.70
N SER B 37 -0.46 -15.04 -15.26
CA SER B 37 0.60 -15.91 -15.75
C SER B 37 0.76 -17.19 -14.95
N PHE B 38 0.07 -17.33 -13.83
CA PHE B 38 0.34 -18.41 -12.89
C PHE B 38 -0.88 -19.32 -12.82
N SER B 39 -0.68 -20.61 -13.08
CA SER B 39 -1.79 -21.54 -13.20
C SER B 39 -1.65 -22.67 -12.20
N CYS B 40 -2.80 -23.18 -11.78
CA CYS B 40 -2.85 -24.42 -11.00
C CYS B 40 -2.88 -25.59 -11.98
N ASP B 41 -1.88 -26.47 -11.86
CA ASP B 41 -1.81 -27.63 -12.75
C ASP B 41 -2.99 -28.57 -12.56
N ILE B 42 -3.63 -28.55 -11.39
CA ILE B 42 -4.65 -29.52 -11.06
C ILE B 42 -6.01 -29.13 -11.62
N CYS B 43 -6.46 -27.89 -11.37
CA CYS B 43 -7.80 -27.51 -11.79
C CYS B 43 -7.81 -26.47 -12.90
N GLY B 44 -6.64 -25.92 -13.26
CA GLY B 44 -6.52 -25.01 -14.37
C GLY B 44 -6.74 -23.53 -14.04
N LYS B 45 -7.06 -23.19 -12.80
CA LYS B 45 -7.35 -21.80 -12.46
C LYS B 45 -6.09 -20.93 -12.58
N LEU B 46 -6.29 -19.68 -12.95
CA LEU B 46 -5.21 -18.74 -13.22
C LEU B 46 -5.19 -17.65 -12.16
N PHE B 47 -4.00 -17.15 -11.83
CA PHE B 47 -3.83 -16.20 -10.74
C PHE B 47 -2.87 -15.10 -11.17
N THR B 48 -3.01 -13.94 -10.52
CA THR B 48 -2.18 -12.78 -10.85
C THR B 48 -0.78 -12.87 -10.26
N ARG B 49 -0.63 -13.44 -9.06
CA ARG B 49 0.66 -13.58 -8.41
C ARG B 49 1.01 -15.05 -8.19
N ARG B 50 2.31 -15.35 -8.21
CA ARG B 50 2.73 -16.72 -7.91
C ARG B 50 2.31 -17.17 -6.52
N GLU B 51 2.41 -16.28 -5.51
CA GLU B 51 2.00 -16.65 -4.16
C GLU B 51 0.54 -17.08 -4.10
N HIS B 52 -0.28 -16.60 -5.03
CA HIS B 52 -1.71 -16.94 -5.07
C HIS B 52 -1.92 -18.39 -5.45
N VAL B 53 -1.12 -18.91 -6.39
CA VAL B 53 -1.25 -20.33 -6.75
C VAL B 53 -0.81 -21.20 -5.59
N LYS B 54 0.26 -20.80 -4.89
CA LYS B 54 0.71 -21.59 -3.76
C LYS B 54 -0.34 -21.63 -2.66
N ARG B 55 -0.93 -20.48 -2.33
CA ARG B 55 -2.03 -20.46 -1.38
C ARG B 55 -3.20 -21.30 -1.90
N HIS B 56 -3.54 -21.12 -3.17
CA HIS B 56 -4.63 -21.88 -3.77
C HIS B 56 -4.40 -23.38 -3.68
N SER B 57 -3.15 -23.81 -3.85
CA SER B 57 -2.82 -25.23 -3.90
C SER B 57 -3.30 -26.01 -2.67
N LEU B 58 -3.51 -25.34 -1.54
CA LEU B 58 -3.98 -26.05 -0.35
C LEU B 58 -5.35 -26.68 -0.55
N VAL B 59 -6.16 -26.14 -1.46
CA VAL B 59 -7.45 -26.72 -1.82
C VAL B 59 -7.31 -28.21 -2.18
N HIS B 60 -6.21 -28.57 -2.85
CA HIS B 60 -6.02 -29.92 -3.36
C HIS B 60 -5.15 -30.76 -2.44
N LYS B 61 -4.99 -30.33 -1.19
CA LYS B 61 -4.07 -30.92 -0.22
C LYS B 61 -4.79 -31.14 1.10
N LYS B 62 -4.14 -31.90 1.99
CA LYS B 62 -4.73 -32.24 3.27
C LYS B 62 -5.18 -30.98 4.01
N ASP B 63 -6.30 -31.09 4.72
CA ASP B 63 -7.03 -29.99 5.40
C ASP B 63 -7.92 -29.23 4.44
ZN ZN G . 3.45 0.49 10.99
ZN ZN H . 4.39 24.78 -1.01
ZN ZN I . -4.16 1.15 -10.49
ZN ZN J . -6.43 -25.77 -8.41
#